data_3SII
#
_entry.id   3SII
#
_cell.length_a   107.270
_cell.length_b   44.220
_cell.length_c   50.150
_cell.angle_alpha   90.000
_cell.angle_beta   90.000
_cell.angle_gamma   90.000
#
_symmetry.space_group_name_H-M   'P 21 21 21'
#
loop_
_entity.id
_entity.type
_entity.pdbx_description
1 polymer 'poly(ADP-ribose) glycohydrolase'
2 non-polymer "5'-O-[(S)-{[(S)-{[(2R,3R,4S)-3,4-DIHYDROXYPYRROLIDIN-2-YL]METHOXY}(HYDROXY)PHOSPHORYL]OXY}(HYDROXY)PHOSPHORYL]ADENOSINE"
3 water water
#
_entity_poly.entity_id   1
_entity_poly.type   'polypeptide(L)'
_entity_poly.pdbx_seq_one_letter_code
;RHSRRAIAAETVEILERGRYTAPSGRVVPIADHVAQAVRGTRLYRPEKLAVLLEGLGAASDGAPTRIEVTEETTLAAARR
LTGAAGDQVACLNFASAEHPGGGFLSGAHAQEEGLARSSGLYASLRAVPQFYAFHHRQRDPLYSDHLIYSPGVPVFRDDA
GRLLEEPYRVAFLTSPAPNRRAIGDLRTVEEIGRVLRGRAAKVLAAARHHGHRRLVLGAWGCGVFGNDPAQVAETFAGLL
LDGGPFAGRFAHVVFAVWDTAPGAPRHAAFARRFGSL
;
_entity_poly.pdbx_strand_id   A
#
# COMPACT_ATOMS: atom_id res chain seq x y z
N ARG A 1 -15.79 -13.32 -7.50
CA ARG A 1 -14.96 -13.88 -6.43
C ARG A 1 -14.21 -15.14 -6.86
N HIS A 2 -14.85 -15.97 -7.67
CA HIS A 2 -14.20 -17.22 -8.07
C HIS A 2 -13.01 -16.97 -8.99
N SER A 3 -13.12 -16.02 -9.89
CA SER A 3 -12.01 -15.68 -10.77
C SER A 3 -10.84 -15.07 -10.02
N ARG A 4 -11.14 -14.22 -9.04
CA ARG A 4 -10.09 -13.66 -8.18
C ARG A 4 -9.43 -14.74 -7.32
N ARG A 5 -10.23 -15.66 -6.81
CA ARG A 5 -9.70 -16.77 -6.01
C ARG A 5 -8.71 -17.60 -6.84
N ALA A 6 -9.08 -17.88 -8.09
CA ALA A 6 -8.22 -18.67 -8.98
C ALA A 6 -6.91 -17.95 -9.26
N ILE A 7 -7.00 -16.65 -9.52
CA ILE A 7 -5.80 -15.86 -9.76
C ILE A 7 -4.90 -15.84 -8.53
N ALA A 8 -5.48 -15.65 -7.35
CA ALA A 8 -4.70 -15.64 -6.12
C ALA A 8 -3.94 -16.94 -5.95
N ALA A 9 -4.60 -18.06 -6.21
CA ALA A 9 -3.98 -19.37 -6.11
C ALA A 9 -2.83 -19.52 -7.11
N GLU A 10 -3.03 -19.01 -8.32
CA GLU A 10 -1.99 -19.05 -9.35
C GLU A 10 -0.77 -18.23 -8.93
N THR A 11 -1.02 -17.11 -8.29
CA THR A 11 0.07 -16.26 -7.82
C THR A 11 0.87 -16.98 -6.75
N VAL A 12 0.18 -17.61 -5.80
CA VAL A 12 0.87 -18.39 -4.78
C VAL A 12 1.75 -19.49 -5.40
N GLU A 13 1.23 -20.17 -6.43
CA GLU A 13 2.00 -21.20 -7.14
C GLU A 13 3.22 -20.60 -7.81
N ILE A 14 3.03 -19.46 -8.47
CA ILE A 14 4.10 -18.72 -9.12
C ILE A 14 5.21 -18.35 -8.13
N LEU A 15 4.82 -17.89 -6.94
CA LEU A 15 5.81 -17.51 -5.93
C LEU A 15 6.55 -18.74 -5.41
N GLU A 16 5.88 -19.89 -5.42
CA GLU A 16 6.51 -21.15 -5.03
C GLU A 16 7.46 -21.66 -6.12
N ARG A 17 7.02 -21.59 -7.37
CA ARG A 17 7.80 -22.14 -8.48
C ARG A 17 8.93 -21.22 -8.93
N GLY A 18 8.77 -19.91 -8.69
CA GLY A 18 9.82 -18.96 -9.02
C GLY A 18 9.84 -18.50 -10.48
N ARG A 19 8.78 -18.82 -11.22
CA ARG A 19 8.67 -18.38 -12.61
C ARG A 19 7.20 -18.38 -13.00
N TYR A 20 6.88 -17.61 -14.03
CA TYR A 20 5.54 -17.65 -14.62
C TYR A 20 5.65 -17.57 -16.14
N THR A 21 4.55 -17.89 -16.80
CA THR A 21 4.51 -17.85 -18.26
C THR A 21 3.68 -16.66 -18.71
N ALA A 22 4.31 -15.76 -19.44
CA ALA A 22 3.64 -14.57 -19.95
C ALA A 22 2.75 -14.92 -21.14
N PRO A 23 1.84 -14.02 -21.53
CA PRO A 23 0.93 -14.34 -22.65
C PRO A 23 1.65 -14.68 -23.96
N SER A 24 2.82 -14.09 -24.21
CA SER A 24 3.59 -14.38 -25.43
C SER A 24 4.13 -15.80 -25.43
N GLY A 25 4.26 -16.38 -24.23
CA GLY A 25 4.88 -17.68 -24.07
C GLY A 25 6.22 -17.58 -23.37
N ARG A 26 6.77 -16.37 -23.29
CA ARG A 26 8.01 -16.13 -22.55
C ARG A 26 7.86 -16.63 -21.12
N VAL A 27 8.84 -17.39 -20.65
CA VAL A 27 8.86 -17.82 -19.26
C VAL A 27 9.74 -16.85 -18.46
N VAL A 28 9.13 -16.18 -17.49
CA VAL A 28 9.77 -15.12 -16.75
C VAL A 28 10.24 -15.59 -15.38
N PRO A 29 11.55 -15.50 -15.09
CA PRO A 29 12.04 -15.92 -13.79
C PRO A 29 11.84 -14.80 -12.76
N ILE A 30 11.34 -15.15 -11.57
CA ILE A 30 11.17 -14.16 -10.52
C ILE A 30 11.71 -14.60 -9.17
N ALA A 31 12.24 -15.81 -9.07
CA ALA A 31 12.68 -16.32 -7.77
C ALA A 31 13.68 -15.40 -7.08
N ASP A 32 14.69 -14.95 -7.82
CA ASP A 32 15.75 -14.12 -7.24
C ASP A 32 15.18 -12.84 -6.67
N HIS A 33 14.38 -12.14 -7.45
CA HIS A 33 13.81 -10.88 -6.99
C HIS A 33 12.87 -11.08 -5.82
N VAL A 34 12.07 -12.15 -5.85
CA VAL A 34 11.16 -12.42 -4.74
C VAL A 34 11.96 -12.66 -3.45
N ALA A 35 12.98 -13.52 -3.54
CA ALA A 35 13.82 -13.83 -2.39
C ALA A 35 14.48 -12.58 -1.85
N GLN A 36 14.94 -11.71 -2.74
CA GLN A 36 15.55 -10.46 -2.31
C GLN A 36 14.56 -9.60 -1.56
N ALA A 37 13.34 -9.49 -2.08
CA ALA A 37 12.30 -8.69 -1.43
C ALA A 37 12.01 -9.22 -0.03
N VAL A 38 11.88 -10.55 0.07
CA VAL A 38 11.65 -11.18 1.36
C VAL A 38 12.80 -10.93 2.36
N ARG A 39 14.02 -11.18 1.89
CA ARG A 39 15.19 -11.00 2.76
C ARG A 39 15.38 -9.57 3.25
N GLY A 40 14.88 -8.60 2.47
CA GLY A 40 15.05 -7.19 2.79
C GLY A 40 13.85 -6.60 3.51
N THR A 41 12.84 -7.42 3.76
CA THR A 41 11.64 -6.96 4.43
C THR A 41 11.94 -6.62 5.88
N ARG A 42 11.42 -5.49 6.34
CA ARG A 42 11.67 -5.06 7.70
C ARG A 42 10.39 -4.66 8.40
N LEU A 43 10.26 -5.07 9.65
CA LEU A 43 9.20 -4.59 10.52
C LEU A 43 9.70 -3.40 11.32
N TYR A 44 8.98 -2.28 11.23
CA TYR A 44 9.26 -1.12 12.06
C TYR A 44 8.24 -0.99 13.16
N ARG A 45 8.71 -0.94 14.40
CA ARG A 45 7.81 -0.67 15.51
C ARG A 45 7.55 0.82 15.62
N PRO A 46 6.44 1.20 16.27
CA PRO A 46 6.04 2.60 16.36
C PRO A 46 7.18 3.51 16.82
N GLU A 47 7.92 3.10 17.85
CA GLU A 47 8.94 3.96 18.42
C GLU A 47 10.14 4.16 17.49
N LYS A 48 10.41 3.19 16.62
CA LYS A 48 11.50 3.35 15.66
C LYS A 48 11.11 4.37 14.58
N LEU A 49 9.86 4.28 14.12
CA LEU A 49 9.34 5.28 13.20
C LEU A 49 9.35 6.67 13.83
N ALA A 50 9.05 6.75 15.13
CA ALA A 50 9.08 8.03 15.81
C ALA A 50 10.48 8.62 15.76
N VAL A 51 11.49 7.75 15.90
CA VAL A 51 12.86 8.21 15.80
C VAL A 51 13.16 8.73 14.40
N LEU A 52 12.65 8.05 13.37
CA LEU A 52 12.84 8.48 11.98
C LEU A 52 12.25 9.87 11.74
N LEU A 53 11.19 10.19 12.48
CA LEU A 53 10.54 11.51 12.38
C LEU A 53 11.31 12.66 13.02
N GLU A 54 12.21 12.35 13.94
CA GLU A 54 13.01 13.38 14.59
C GLU A 54 14.05 13.93 13.62
N GLY A 55 14.40 13.12 12.62
CA GLY A 55 15.35 13.53 11.61
C GLY A 55 14.70 14.25 10.44
N THR A 65 7.57 19.80 -5.25
CA THR A 65 6.98 18.47 -5.37
C THR A 65 5.84 18.45 -6.37
N ARG A 66 5.87 17.52 -7.31
CA ARG A 66 4.75 17.29 -8.21
C ARG A 66 3.69 16.48 -7.47
N ILE A 67 2.48 17.01 -7.35
CA ILE A 67 1.39 16.26 -6.73
C ILE A 67 0.27 16.06 -7.77
N GLU A 68 -0.10 14.81 -8.00
CA GLU A 68 -1.14 14.47 -8.97
C GLU A 68 -2.23 13.68 -8.28
N VAL A 69 -3.49 13.94 -8.65
CA VAL A 69 -4.58 13.04 -8.32
C VAL A 69 -5.07 12.40 -9.60
N THR A 70 -5.18 11.07 -9.62
CA THR A 70 -5.61 10.34 -10.81
C THR A 70 -6.63 9.28 -10.42
N GLU A 71 -7.32 8.71 -11.41
CA GLU A 71 -8.26 7.61 -11.19
C GLU A 71 -7.58 6.26 -11.44
N GLU A 72 -6.25 6.29 -11.47
CA GLU A 72 -5.46 5.08 -11.61
C GLU A 72 -5.58 4.17 -10.40
N THR A 73 -5.47 2.86 -10.62
CA THR A 73 -5.17 1.94 -9.53
C THR A 73 -3.76 2.23 -9.01
N THR A 74 -3.51 1.81 -7.78
CA THR A 74 -2.19 1.87 -7.19
C THR A 74 -1.13 1.31 -8.14
N LEU A 75 -1.37 0.10 -8.65
CA LEU A 75 -0.38 -0.52 -9.54
C LEU A 75 -0.24 0.20 -10.88
N ALA A 76 -1.32 0.73 -11.43
CA ALA A 76 -1.20 1.43 -12.70
C ALA A 76 -0.34 2.68 -12.55
N ALA A 77 -0.57 3.42 -11.48
CA ALA A 77 0.27 4.58 -11.18
C ALA A 77 1.73 4.18 -10.98
N ALA A 78 1.97 3.11 -10.22
CA ALA A 78 3.34 2.68 -9.97
C ALA A 78 4.04 2.28 -11.27
N ARG A 79 3.30 1.60 -12.13
CA ARG A 79 3.86 1.16 -13.40
C ARG A 79 4.22 2.33 -14.31
N ARG A 80 3.35 3.35 -14.34
CA ARG A 80 3.61 4.55 -15.13
C ARG A 80 4.88 5.26 -14.63
N LEU A 81 4.97 5.50 -13.33
CA LEU A 81 6.12 6.17 -12.75
C LEU A 81 7.40 5.38 -12.98
N THR A 82 7.31 4.07 -12.87
CA THR A 82 8.49 3.23 -12.98
C THR A 82 9.04 3.25 -14.39
N GLY A 83 8.16 3.36 -15.37
CA GLY A 83 8.59 3.42 -16.76
C GLY A 83 9.26 4.74 -17.09
N ALA A 84 9.03 5.76 -16.27
CA ALA A 84 9.49 7.11 -16.58
C ALA A 84 10.84 7.49 -15.99
N ALA A 85 11.29 6.77 -14.97
CA ALA A 85 12.61 7.00 -14.36
C ALA A 85 13.05 5.79 -13.56
N GLY A 86 14.35 5.70 -13.30
CA GLY A 86 14.94 4.51 -12.70
C GLY A 86 14.85 4.36 -11.19
N ASP A 87 14.50 5.43 -10.47
CA ASP A 87 14.44 5.35 -9.02
C ASP A 87 13.21 4.57 -8.55
N GLN A 88 13.40 3.63 -7.64
CA GLN A 88 12.32 2.76 -7.23
C GLN A 88 11.17 3.52 -6.51
N VAL A 89 9.94 3.27 -6.96
CA VAL A 89 8.75 3.95 -6.44
C VAL A 89 8.28 3.22 -5.19
N ALA A 90 7.75 3.95 -4.21
CA ALA A 90 7.13 3.33 -3.04
C ALA A 90 5.62 3.51 -3.07
N CYS A 91 4.91 2.45 -2.71
CA CYS A 91 3.46 2.44 -2.72
C CYS A 91 2.89 2.08 -1.35
N LEU A 92 1.88 2.82 -0.92
CA LEU A 92 1.17 2.49 0.31
C LEU A 92 0.17 1.35 0.06
N ASN A 93 0.32 0.27 0.81
CA ASN A 93 -0.60 -0.86 0.87
C ASN A 93 -1.63 -0.55 1.95
N PHE A 94 -2.91 -0.52 1.55
CA PHE A 94 -4.01 -0.23 2.48
C PHE A 94 -4.29 -1.52 3.25
N ALA A 95 -3.49 -1.73 4.28
CA ALA A 95 -3.27 -3.06 4.83
C ALA A 95 -4.33 -3.54 5.79
N SER A 96 -4.56 -4.86 5.75
CA SER A 96 -5.18 -5.55 6.87
C SER A 96 -4.20 -5.60 8.03
N ALA A 97 -4.72 -5.42 9.23
CA ALA A 97 -3.89 -5.53 10.42
C ALA A 97 -3.69 -6.99 10.80
N GLU A 98 -4.54 -7.86 10.26
CA GLU A 98 -4.68 -9.22 10.78
C GLU A 98 -4.27 -10.35 9.82
N HIS A 99 -4.34 -10.10 8.51
CA HIS A 99 -3.99 -11.13 7.55
C HIS A 99 -3.14 -10.57 6.40
N PRO A 100 -1.98 -11.18 6.14
CA PRO A 100 -1.12 -10.71 5.05
C PRO A 100 -1.83 -10.87 3.70
N GLY A 101 -2.03 -9.78 2.97
CA GLY A 101 -2.77 -9.81 1.72
C GLY A 101 -4.28 -9.84 1.92
N GLY A 102 -4.72 -9.62 3.16
CA GLY A 102 -6.13 -9.56 3.44
C GLY A 102 -6.81 -10.87 3.07
N GLY A 103 -7.95 -10.77 2.41
CA GLY A 103 -8.68 -11.97 2.03
C GLY A 103 -8.43 -12.40 0.60
N PHE A 104 -7.25 -12.11 0.06
CA PHE A 104 -7.02 -12.33 -1.37
C PHE A 104 -7.24 -13.79 -1.77
N LEU A 105 -6.85 -14.73 -0.91
CA LEU A 105 -6.98 -16.14 -1.25
C LEU A 105 -8.41 -16.63 -1.22
N SER A 106 -9.31 -15.86 -0.61
CA SER A 106 -10.73 -16.18 -0.61
C SER A 106 -11.44 -15.46 -1.78
N GLY A 107 -10.68 -14.64 -2.51
CA GLY A 107 -11.24 -13.93 -3.64
C GLY A 107 -11.81 -12.57 -3.29
N ALA A 108 -11.45 -12.05 -2.12
CA ALA A 108 -11.92 -10.74 -1.69
C ALA A 108 -11.38 -9.66 -2.62
N HIS A 109 -12.12 -8.57 -2.73
CA HIS A 109 -11.86 -7.51 -3.70
C HIS A 109 -11.64 -6.17 -3.01
N ALA A 110 -10.38 -5.81 -2.83
CA ALA A 110 -10.01 -4.52 -2.24
C ALA A 110 -8.58 -4.22 -2.67
N GLN A 111 -8.04 -3.07 -2.25
CA GLN A 111 -6.74 -2.66 -2.78
C GLN A 111 -5.60 -3.63 -2.43
N GLU A 112 -5.52 -4.03 -1.16
CA GLU A 112 -4.43 -4.92 -0.75
C GLU A 112 -4.50 -6.26 -1.47
N GLU A 113 -5.71 -6.80 -1.57
CA GLU A 113 -5.92 -8.07 -2.24
C GLU A 113 -5.42 -8.01 -3.70
N GLY A 114 -5.71 -6.90 -4.37
CA GLY A 114 -5.20 -6.69 -5.72
C GLY A 114 -3.67 -6.68 -5.77
N LEU A 115 -3.04 -6.03 -4.80
CA LEU A 115 -1.58 -6.02 -4.73
C LEU A 115 -1.09 -7.46 -4.54
N ALA A 116 -1.73 -8.20 -3.64
CA ALA A 116 -1.29 -9.57 -3.36
C ALA A 116 -1.52 -10.51 -4.54
N ARG A 117 -2.55 -10.27 -5.35
CA ARG A 117 -2.76 -11.10 -6.54
C ARG A 117 -1.74 -10.80 -7.63
N SER A 118 -1.13 -9.62 -7.57
CA SER A 118 -0.41 -9.09 -8.74
C SER A 118 1.10 -9.01 -8.58
N SER A 119 1.62 -9.46 -7.44
CA SER A 119 3.01 -9.18 -7.11
C SER A 119 3.57 -10.21 -6.14
N GLY A 120 4.81 -9.98 -5.70
CA GLY A 120 5.40 -10.79 -4.65
C GLY A 120 5.07 -10.35 -3.23
N LEU A 121 4.11 -9.44 -3.09
CA LEU A 121 3.87 -8.82 -1.78
C LEU A 121 3.55 -9.85 -0.68
N TYR A 122 2.75 -10.85 -1.01
CA TYR A 122 2.39 -11.84 -0.01
C TYR A 122 3.62 -12.60 0.52
N ALA A 123 4.58 -12.88 -0.35
CA ALA A 123 5.77 -13.57 0.10
C ALA A 123 6.52 -12.74 1.15
N SER A 124 6.52 -11.42 0.97
CA SER A 124 7.10 -10.51 1.96
C SER A 124 6.30 -10.47 3.25
N LEU A 125 5.01 -10.19 3.15
CA LEU A 125 4.20 -10.00 4.35
C LEU A 125 4.05 -11.27 5.18
N ARG A 126 3.94 -12.43 4.50
CA ARG A 126 3.73 -13.67 5.26
C ARG A 126 4.95 -14.00 6.10
N ALA A 127 6.07 -13.38 5.76
CA ALA A 127 7.32 -13.58 6.50
C ALA A 127 7.45 -12.71 7.77
N VAL A 128 6.41 -11.94 8.10
CA VAL A 128 6.46 -11.05 9.26
C VAL A 128 5.31 -11.37 10.20
N PRO A 129 5.31 -12.57 10.79
CA PRO A 129 4.19 -12.97 11.65
C PRO A 129 4.04 -12.08 12.88
N GLN A 130 5.11 -11.45 13.34
CA GLN A 130 5.01 -10.58 14.52
C GLN A 130 4.04 -9.42 14.35
N PHE A 131 3.94 -8.91 13.11
CA PHE A 131 3.05 -7.78 12.83
C PHE A 131 1.60 -8.20 13.05
N TYR A 132 1.24 -9.34 12.46
CA TYR A 132 -0.11 -9.84 12.52
C TYR A 132 -0.48 -10.37 13.90
N ALA A 133 0.45 -11.09 14.54
CA ALA A 133 0.22 -11.55 15.90
C ALA A 133 -0.02 -10.39 16.87
N PHE A 134 0.73 -9.30 16.72
CA PHE A 134 0.54 -8.15 17.59
C PHE A 134 -0.90 -7.65 17.53
N HIS A 135 -1.43 -7.51 16.32
CA HIS A 135 -2.77 -6.99 16.18
C HIS A 135 -3.84 -7.99 16.60
N HIS A 136 -3.60 -9.27 16.35
CA HIS A 136 -4.53 -10.30 16.80
C HIS A 136 -4.71 -10.27 18.31
N ARG A 137 -3.61 -10.10 19.05
CA ARG A 137 -3.67 -10.05 20.51
C ARG A 137 -4.26 -8.74 21.00
N GLN A 138 -3.97 -7.66 20.28
CA GLN A 138 -4.38 -6.33 20.68
C GLN A 138 -5.90 -6.16 20.72
N ARG A 139 -6.57 -6.74 19.73
CA ARG A 139 -8.02 -6.66 19.61
C ARG A 139 -8.53 -5.24 19.81
N ASP A 140 -7.95 -4.30 19.07
CA ASP A 140 -8.41 -2.92 19.09
C ASP A 140 -8.41 -2.37 17.68
N PRO A 141 -9.56 -1.87 17.21
CA PRO A 141 -9.69 -1.44 15.82
C PRO A 141 -8.89 -0.18 15.46
N LEU A 142 -8.27 0.47 16.43
CA LEU A 142 -7.34 1.55 16.09
C LEU A 142 -6.05 0.98 15.49
N TYR A 143 -5.81 -0.30 15.76
CA TYR A 143 -4.57 -0.97 15.38
C TYR A 143 -3.36 -0.21 15.93
N SER A 144 -2.29 -0.11 15.15
CA SER A 144 -1.06 0.49 15.65
C SER A 144 -0.23 1.09 14.52
N ASP A 145 0.81 1.84 14.89
CA ASP A 145 1.73 2.45 13.94
C ASP A 145 2.80 1.48 13.41
N HIS A 146 2.73 0.18 13.75
CA HIS A 146 3.66 -0.77 13.14
C HIS A 146 3.57 -0.69 11.61
N LEU A 147 4.71 -0.83 10.94
CA LEU A 147 4.76 -0.74 9.49
C LEU A 147 5.69 -1.83 8.95
N ILE A 148 5.31 -2.48 7.87
CA ILE A 148 6.21 -3.39 7.18
C ILE A 148 6.71 -2.71 5.90
N TYR A 149 8.03 -2.68 5.77
CA TYR A 149 8.69 -2.15 4.58
C TYR A 149 9.16 -3.31 3.73
N SER A 150 8.70 -3.33 2.48
CA SER A 150 9.05 -4.42 1.57
C SER A 150 9.72 -3.85 0.33
N PRO A 151 11.05 -4.00 0.23
CA PRO A 151 11.79 -3.41 -0.89
C PRO A 151 11.78 -4.27 -2.14
N GLY A 152 11.74 -3.64 -3.30
CA GLY A 152 11.97 -4.35 -4.55
C GLY A 152 11.03 -5.50 -4.82
N VAL A 153 9.76 -5.33 -4.47
CA VAL A 153 8.79 -6.39 -4.72
C VAL A 153 8.44 -6.46 -6.20
N PRO A 154 8.62 -7.63 -6.83
CA PRO A 154 8.28 -7.73 -8.25
C PRO A 154 6.77 -7.67 -8.45
N VAL A 155 6.35 -6.87 -9.42
CA VAL A 155 4.95 -6.78 -9.83
C VAL A 155 4.84 -7.36 -11.23
N PHE A 156 3.90 -8.30 -11.41
CA PHE A 156 3.87 -9.06 -12.66
C PHE A 156 2.46 -9.31 -13.23
N ARG A 157 1.47 -8.54 -12.77
CA ARG A 157 0.16 -8.54 -13.41
C ARG A 157 -0.32 -7.11 -13.63
N ASP A 158 -1.16 -6.93 -14.66
CA ASP A 158 -1.86 -5.67 -14.86
C ASP A 158 -3.20 -5.68 -14.12
N ASP A 159 -3.96 -4.59 -14.28
CA ASP A 159 -5.22 -4.41 -13.58
C ASP A 159 -6.22 -5.54 -13.86
N ALA A 160 -6.13 -6.12 -15.05
CA ALA A 160 -7.06 -7.17 -15.48
C ALA A 160 -6.65 -8.56 -15.02
N GLY A 161 -5.45 -8.68 -14.45
CA GLY A 161 -4.97 -9.96 -13.98
C GLY A 161 -4.09 -10.67 -14.98
N ARG A 162 -3.83 -10.01 -16.11
CA ARG A 162 -2.93 -10.56 -17.14
C ARG A 162 -1.47 -10.51 -16.71
N LEU A 163 -0.74 -11.60 -16.90
CA LEU A 163 0.67 -11.59 -16.56
C LEU A 163 1.46 -10.67 -17.49
N LEU A 164 2.48 -10.02 -16.94
CA LEU A 164 3.27 -9.04 -17.67
C LEU A 164 4.45 -9.67 -18.41
N GLU A 165 4.69 -9.20 -19.63
CA GLU A 165 5.87 -9.63 -20.38
C GLU A 165 7.14 -9.23 -19.63
N GLU A 166 7.08 -8.07 -18.98
CA GLU A 166 8.24 -7.55 -18.27
C GLU A 166 7.77 -7.06 -16.91
N PRO A 167 8.14 -7.78 -15.86
CA PRO A 167 7.77 -7.33 -14.51
C PRO A 167 8.55 -6.09 -14.10
N TYR A 168 8.04 -5.36 -13.11
CA TYR A 168 8.75 -4.21 -12.58
C TYR A 168 8.76 -4.33 -11.07
N ARG A 169 9.65 -3.60 -10.41
CA ARG A 169 9.75 -3.70 -8.96
C ARG A 169 9.37 -2.39 -8.29
N VAL A 170 8.64 -2.48 -7.19
CA VAL A 170 8.31 -1.33 -6.36
C VAL A 170 8.51 -1.68 -4.90
N ALA A 171 8.70 -0.67 -4.06
CA ALA A 171 8.69 -0.90 -2.63
C ALA A 171 7.27 -0.73 -2.11
N PHE A 172 6.88 -1.55 -1.14
CA PHE A 172 5.59 -1.36 -0.49
C PHE A 172 5.74 -0.94 0.96
N LEU A 173 4.82 -0.10 1.41
CA LEU A 173 4.73 0.30 2.80
C LEU A 173 3.38 -0.19 3.31
N THR A 174 3.42 -1.09 4.28
CA THR A 174 2.22 -1.76 4.77
C THR A 174 1.88 -1.24 6.16
N SER A 175 0.81 -0.48 6.25
CA SER A 175 0.38 0.17 7.50
C SER A 175 -1.13 0.20 7.48
N PRO A 176 -1.78 -0.32 8.54
CA PRO A 176 -3.24 -0.35 8.52
C PRO A 176 -3.82 0.95 9.02
N ALA A 177 -4.77 1.49 8.28
CA ALA A 177 -5.53 2.63 8.77
C ALA A 177 -6.41 2.15 9.93
N PRO A 178 -6.80 3.07 10.81
CA PRO A 178 -7.76 2.66 11.85
C PRO A 178 -9.06 2.15 11.23
N ASN A 179 -9.65 1.14 11.85
CA ASN A 179 -10.92 0.59 11.39
C ASN A 179 -12.04 1.44 11.97
N ARG A 180 -12.28 2.58 11.33
CA ARG A 180 -13.25 3.54 11.86
C ARG A 180 -14.65 2.98 11.87
N ARG A 181 -14.93 2.07 10.94
CA ARG A 181 -16.23 1.41 10.89
C ARG A 181 -16.52 0.67 12.19
N ALA A 182 -15.50 -0.01 12.73
CA ALA A 182 -15.66 -0.80 13.94
C ALA A 182 -15.69 0.07 15.20
N ILE A 183 -15.02 1.23 15.11
CA ILE A 183 -14.98 2.18 16.22
C ILE A 183 -16.31 2.93 16.36
N GLY A 184 -16.97 3.21 15.23
CA GLY A 184 -18.18 3.99 15.25
C GLY A 184 -17.93 5.36 15.83
N ASP A 185 -18.90 5.86 16.59
CA ASP A 185 -18.80 7.20 17.15
C ASP A 185 -18.16 7.19 18.52
N LEU A 186 -17.46 6.12 18.85
CA LEU A 186 -16.90 6.02 20.20
C LEU A 186 -15.51 6.67 20.31
N ARG A 187 -15.00 7.15 19.16
CA ARG A 187 -13.89 8.09 19.15
C ARG A 187 -14.35 9.33 18.38
N THR A 188 -13.82 10.49 18.76
CA THR A 188 -14.22 11.74 18.10
C THR A 188 -13.51 11.89 16.75
N VAL A 189 -14.07 12.75 15.90
CA VAL A 189 -13.45 13.08 14.63
C VAL A 189 -12.00 13.48 14.84
N GLU A 190 -11.77 14.30 15.86
CA GLU A 190 -10.44 14.84 16.13
C GLU A 190 -9.47 13.76 16.60
N GLU A 191 -9.95 12.82 17.42
CA GLU A 191 -9.14 11.69 17.85
C GLU A 191 -8.66 10.85 16.67
N ILE A 192 -9.60 10.52 15.78
CA ILE A 192 -9.27 9.75 14.59
C ILE A 192 -8.31 10.54 13.71
N GLY A 193 -8.54 11.85 13.58
CA GLY A 193 -7.62 12.67 12.81
C GLY A 193 -6.21 12.62 13.34
N ARG A 194 -6.05 12.67 14.67
CA ARG A 194 -4.72 12.61 15.26
C ARG A 194 -4.05 11.27 15.02
N VAL A 195 -4.83 10.19 15.10
CA VAL A 195 -4.29 8.86 14.81
C VAL A 195 -3.84 8.76 13.36
N LEU A 196 -4.67 9.24 12.45
CA LEU A 196 -4.32 9.23 11.03
C LEU A 196 -3.08 10.05 10.74
N ARG A 197 -2.99 11.25 11.32
CA ARG A 197 -1.86 12.11 11.06
C ARG A 197 -0.55 11.50 11.59
N GLY A 198 -0.57 10.97 12.80
CA GLY A 198 0.62 10.34 13.37
C GLY A 198 1.10 9.16 12.54
N ARG A 199 0.15 8.35 12.10
CA ARG A 199 0.48 7.15 11.35
C ARG A 199 0.95 7.49 9.94
N ALA A 200 0.25 8.39 9.27
CA ALA A 200 0.65 8.81 7.93
C ALA A 200 2.04 9.44 7.95
N ALA A 201 2.35 10.22 9.00
CA ALA A 201 3.67 10.83 9.09
C ALA A 201 4.73 9.74 9.16
N LYS A 202 4.43 8.64 9.83
CA LYS A 202 5.40 7.55 9.99
C LYS A 202 5.59 6.79 8.66
N VAL A 203 4.51 6.65 7.91
CA VAL A 203 4.59 6.04 6.57
C VAL A 203 5.52 6.87 5.69
N LEU A 204 5.33 8.18 5.71
CA LEU A 204 6.16 9.08 4.90
C LEU A 204 7.60 9.05 5.38
N ALA A 205 7.80 9.01 6.69
CA ALA A 205 9.15 8.97 7.25
C ALA A 205 9.87 7.70 6.80
N ALA A 206 9.18 6.57 6.83
CA ALA A 206 9.79 5.31 6.38
C ALA A 206 10.13 5.36 4.89
N ALA A 207 9.24 5.90 4.08
CA ALA A 207 9.51 6.05 2.66
C ALA A 207 10.77 6.86 2.41
N ARG A 208 10.85 8.01 3.08
CA ARG A 208 11.98 8.91 2.90
C ARG A 208 13.28 8.28 3.41
N HIS A 209 13.18 7.59 4.54
CA HIS A 209 14.33 6.94 5.15
C HIS A 209 14.97 5.96 4.16
N HIS A 210 14.13 5.27 3.40
CA HIS A 210 14.59 4.25 2.46
C HIS A 210 14.89 4.83 1.07
N GLY A 211 14.96 6.15 1.00
CA GLY A 211 15.40 6.84 -0.21
C GLY A 211 14.39 6.97 -1.32
N HIS A 212 13.11 6.76 -1.03
CA HIS A 212 12.09 6.89 -2.06
C HIS A 212 11.61 8.32 -2.23
N ARG A 213 11.82 8.85 -3.43
CA ARG A 213 11.45 10.22 -3.74
C ARG A 213 10.10 10.32 -4.45
N ARG A 214 9.60 9.19 -4.94
CA ARG A 214 8.33 9.15 -5.64
C ARG A 214 7.38 8.15 -4.96
N LEU A 215 6.16 8.58 -4.68
CA LEU A 215 5.23 7.80 -3.88
C LEU A 215 3.90 7.68 -4.54
N VAL A 216 3.27 6.53 -4.35
CA VAL A 216 1.89 6.34 -4.74
C VAL A 216 1.05 6.15 -3.48
N LEU A 217 0.21 7.14 -3.21
CA LEU A 217 -0.69 7.13 -2.04
C LEU A 217 -2.13 7.06 -2.55
N GLY A 218 -3.10 7.23 -1.66
CA GLY A 218 -4.50 7.14 -2.09
C GLY A 218 -5.44 7.20 -0.91
N ALA A 219 -6.65 6.69 -1.11
CA ALA A 219 -7.73 6.77 -0.13
C ALA A 219 -7.64 5.68 0.94
N TRP A 220 -6.47 5.65 1.55
CA TRP A 220 -6.14 4.78 2.68
C TRP A 220 -7.28 4.72 3.70
N GLY A 221 -7.75 3.51 3.97
CA GLY A 221 -8.75 3.30 5.01
C GLY A 221 -10.17 3.74 4.67
N CYS A 222 -10.41 4.14 3.43
CA CYS A 222 -11.69 4.76 3.06
C CYS A 222 -12.69 3.81 2.41
N GLY A 223 -12.35 2.53 2.38
CA GLY A 223 -13.25 1.52 1.86
C GLY A 223 -13.86 0.75 3.01
N VAL A 224 -13.41 -0.50 3.17
CA VAL A 224 -13.90 -1.38 4.22
C VAL A 224 -13.75 -0.75 5.60
N PHE A 225 -12.68 0.00 5.80
CA PHE A 225 -12.38 0.59 7.12
C PHE A 225 -13.19 1.85 7.42
N GLY A 226 -13.91 2.34 6.42
CA GLY A 226 -14.90 3.40 6.63
C GLY A 226 -14.39 4.75 7.09
N ASN A 227 -13.16 5.09 6.76
CA ASN A 227 -12.69 6.43 7.05
C ASN A 227 -13.28 7.45 6.09
N ASP A 228 -13.26 8.71 6.50
CA ASP A 228 -13.80 9.82 5.73
C ASP A 228 -12.74 10.29 4.72
N PRO A 229 -13.02 10.17 3.41
CA PRO A 229 -11.95 10.53 2.49
C PRO A 229 -11.50 12.00 2.57
N ALA A 230 -12.39 12.91 2.93
CA ALA A 230 -11.96 14.30 3.10
C ALA A 230 -10.96 14.40 4.23
N GLN A 231 -11.19 13.65 5.30
CA GLN A 231 -10.26 13.68 6.43
C GLN A 231 -8.92 13.01 6.07
N VAL A 232 -8.96 11.90 5.34
CA VAL A 232 -7.70 11.28 4.94
C VAL A 232 -6.93 12.17 3.96
N ALA A 233 -7.63 12.79 3.02
CA ALA A 233 -6.97 13.71 2.10
C ALA A 233 -6.39 14.90 2.85
N GLU A 234 -7.13 15.42 3.81
CA GLU A 234 -6.64 16.53 4.62
C GLU A 234 -5.41 16.12 5.43
N THR A 235 -5.39 14.88 5.91
CA THR A 235 -4.25 14.36 6.67
C THR A 235 -2.97 14.43 5.85
N PHE A 236 -3.04 13.91 4.62
CA PHE A 236 -1.88 13.97 3.73
C PHE A 236 -1.53 15.41 3.35
N ALA A 237 -2.55 16.24 3.16
CA ALA A 237 -2.30 17.64 2.80
C ALA A 237 -1.55 18.39 3.89
N GLY A 238 -1.91 18.17 5.15
CA GLY A 238 -1.22 18.82 6.26
C GLY A 238 0.24 18.43 6.35
N LEU A 239 0.56 17.22 5.90
CA LEU A 239 1.94 16.73 5.92
C LEU A 239 2.75 17.22 4.72
N LEU A 240 2.11 17.37 3.58
CA LEU A 240 2.83 17.64 2.33
C LEU A 240 2.75 19.10 1.87
N LEU A 241 1.75 19.82 2.37
CA LEU A 241 1.48 21.18 1.90
C LEU A 241 1.61 22.21 3.01
N ASP A 242 1.51 23.48 2.64
CA ASP A 242 1.56 24.61 3.59
C ASP A 242 2.65 24.50 4.66
N GLY A 243 3.87 24.23 4.24
CA GLY A 243 5.00 24.17 5.15
C GLY A 243 4.95 23.02 6.14
N GLY A 244 4.23 21.95 5.79
CA GLY A 244 4.16 20.78 6.64
C GLY A 244 5.49 20.05 6.68
N PRO A 245 5.61 19.06 7.56
CA PRO A 245 6.89 18.41 7.83
C PRO A 245 7.52 17.75 6.60
N PHE A 246 6.71 17.33 5.64
CA PHE A 246 7.23 16.68 4.44
C PHE A 246 7.13 17.55 3.19
N ALA A 247 6.83 18.84 3.37
CA ALA A 247 6.74 19.75 2.24
C ALA A 247 8.06 19.81 1.50
N GLY A 248 8.01 19.55 0.20
CA GLY A 248 9.18 19.60 -0.64
C GLY A 248 10.17 18.44 -0.46
N ARG A 249 9.81 17.44 0.33
CA ARG A 249 10.73 16.33 0.61
C ARG A 249 10.62 15.18 -0.37
N PHE A 250 9.53 15.13 -1.12
CA PHE A 250 9.36 14.15 -2.18
C PHE A 250 9.38 14.85 -3.53
N ALA A 251 9.79 14.10 -4.56
CA ALA A 251 9.79 14.62 -5.93
C ALA A 251 8.42 14.57 -6.57
N HIS A 252 7.69 13.47 -6.32
CA HIS A 252 6.44 13.21 -7.01
C HIS A 252 5.57 12.38 -6.10
N VAL A 253 4.34 12.83 -5.88
CA VAL A 253 3.37 12.08 -5.10
C VAL A 253 2.12 11.96 -5.93
N VAL A 254 1.68 10.74 -6.15
CA VAL A 254 0.44 10.49 -6.89
C VAL A 254 -0.59 9.94 -5.93
N PHE A 255 -1.76 10.59 -5.87
CA PHE A 255 -2.89 10.01 -5.18
C PHE A 255 -3.70 9.27 -6.23
N ALA A 256 -3.45 7.98 -6.31
CA ALA A 256 -4.12 7.11 -7.28
C ALA A 256 -5.35 6.54 -6.60
N VAL A 257 -6.52 7.02 -7.01
CA VAL A 257 -7.76 6.66 -6.36
C VAL A 257 -8.73 6.10 -7.40
N TRP A 258 -8.82 4.77 -7.42
CA TRP A 258 -9.70 4.03 -8.31
C TRP A 258 -10.95 3.64 -7.53
N ASP A 259 -12.05 4.35 -7.78
CA ASP A 259 -13.27 4.20 -6.99
C ASP A 259 -14.42 3.88 -7.93
N THR A 260 -14.90 2.64 -7.88
CA THR A 260 -15.93 2.20 -8.81
C THR A 260 -17.36 2.50 -8.34
N ALA A 261 -17.50 3.03 -7.13
CA ALA A 261 -18.83 3.40 -6.64
C ALA A 261 -19.37 4.59 -7.42
N PRO A 262 -20.70 4.70 -7.51
CA PRO A 262 -21.33 5.85 -8.16
C PRO A 262 -20.80 7.18 -7.63
N GLY A 263 -20.41 8.06 -8.54
CA GLY A 263 -19.86 9.36 -8.16
C GLY A 263 -18.38 9.34 -7.76
N ALA A 264 -17.79 8.15 -7.68
CA ALA A 264 -16.39 7.99 -7.26
C ALA A 264 -16.00 8.95 -6.13
N PRO A 265 -16.71 8.89 -5.00
CA PRO A 265 -16.56 9.89 -3.93
C PRO A 265 -15.18 9.95 -3.29
N ARG A 266 -14.49 8.82 -3.19
CA ARG A 266 -13.15 8.83 -2.63
C ARG A 266 -12.22 9.64 -3.52
N HIS A 267 -12.35 9.44 -4.84
CA HIS A 267 -11.55 10.22 -5.78
C HIS A 267 -11.94 11.70 -5.77
N ALA A 268 -13.23 11.98 -5.74
CA ALA A 268 -13.71 13.36 -5.69
C ALA A 268 -13.10 14.13 -4.52
N ALA A 269 -13.04 13.51 -3.35
CA ALA A 269 -12.50 14.16 -2.16
C ALA A 269 -11.03 14.53 -2.33
N PHE A 270 -10.26 13.63 -2.94
CA PHE A 270 -8.84 13.90 -3.16
C PHE A 270 -8.66 14.96 -4.25
N ALA A 271 -9.46 14.89 -5.31
CA ALA A 271 -9.40 15.88 -6.38
C ALA A 271 -9.71 17.28 -5.85
N ARG A 272 -10.72 17.37 -4.97
CA ARG A 272 -11.05 18.64 -4.36
C ARG A 272 -9.90 19.22 -3.55
N ARG A 273 -9.21 18.38 -2.79
CA ARG A 273 -8.19 18.87 -1.86
C ARG A 273 -6.89 19.23 -2.58
N PHE A 274 -6.54 18.42 -3.57
CA PHE A 274 -5.26 18.56 -4.27
C PHE A 274 -5.42 19.06 -5.70
#